data_1AEC
#
_entry.id   1AEC
#
_cell.length_a   78.470
_cell.length_b   81.810
_cell.length_c   32.930
_cell.angle_alpha   90.00
_cell.angle_beta   90.00
_cell.angle_gamma   90.00
#
_symmetry.space_group_name_H-M   'P 21 21 21'
#
loop_
_entity.id
_entity.type
_entity.pdbx_description
1 polymer ACTINIDIN
2 non-polymer N-[N-[1-HYDROXYCARBOXYETHYL-CARBONYL]LEUCYLAMINO-BUTYL]-GUANIDINE
3 water water
#
_entity_poly.entity_id   1
_entity_poly.type   'polypeptide(L)'
_entity_poly.pdbx_seq_one_letter_code
;LPSYVDWRSAGAVVDIKSQGECGGCWAFSAIATVEGINKIVTGVLISLSEQELIDCGRTQNTRGCNGGYITDGFQFIINN
GGINTEENYPYTAQDGECNVDLQNEKYVTIDTYENVPYNNEWALQTAVTYQPVSVALDAAGDAFKQYSSGIFTGPCGTAI
DHAVTIVGYGTEGGIDYWIVKNSWDTTWGEEGYMRILRNVGGAGTCGIATMPSYPVKY
;
_entity_poly.pdbx_strand_id   A
#
# COMPACT_ATOMS: atom_id res chain seq x y z
N LEU A 1 0.89 15.34 17.29
CA LEU A 1 0.90 14.96 15.90
C LEU A 1 0.43 16.14 15.08
N PRO A 2 0.90 16.28 13.83
CA PRO A 2 0.43 17.27 12.87
C PRO A 2 -1.06 17.22 12.61
N SER A 3 -1.66 18.32 12.16
CA SER A 3 -3.06 18.32 11.76
C SER A 3 -3.28 17.77 10.34
N TYR A 4 -2.21 17.72 9.56
CA TYR A 4 -2.27 17.27 8.17
C TYR A 4 -0.91 16.64 7.88
N VAL A 5 -0.93 15.55 7.11
CA VAL A 5 0.30 14.89 6.64
C VAL A 5 -0.04 14.45 5.23
N ASP A 6 0.90 14.69 4.31
CA ASP A 6 0.73 14.22 2.94
C ASP A 6 2.12 13.92 2.41
N TRP A 7 2.46 12.63 2.27
CA TRP A 7 3.78 12.21 1.83
C TRP A 7 4.08 12.54 0.39
N ARG A 8 3.04 12.90 -0.39
CA ARG A 8 3.24 13.39 -1.75
C ARG A 8 3.92 14.76 -1.73
N SER A 9 3.78 15.56 -0.65
CA SER A 9 4.45 16.86 -0.59
C SER A 9 5.92 16.72 -0.21
N ALA A 10 6.36 15.50 0.18
CA ALA A 10 7.72 15.20 0.58
C ALA A 10 8.48 14.39 -0.44
N GLY A 11 7.87 14.14 -1.60
CA GLY A 11 8.53 13.40 -2.66
C GLY A 11 8.68 11.94 -2.35
N ALA A 12 7.82 11.38 -1.49
CA ALA A 12 7.95 9.99 -1.10
C ALA A 12 6.93 9.02 -1.70
N VAL A 13 6.19 9.46 -2.72
CA VAL A 13 5.18 8.64 -3.36
C VAL A 13 5.34 8.63 -4.88
N VAL A 14 5.55 7.42 -5.40
CA VAL A 14 5.64 7.17 -6.83
C VAL A 14 4.29 7.42 -7.50
N ASP A 15 4.24 7.83 -8.77
CA ASP A 15 2.94 8.00 -9.43
C ASP A 15 2.07 6.76 -9.43
N ILE A 16 0.76 6.98 -9.48
CA ILE A 16 -0.24 5.92 -9.52
C ILE A 16 0.04 4.84 -10.58
N LYS A 17 -0.11 3.61 -10.13
CA LYS A 17 0.09 2.44 -10.96
C LYS A 17 -1.26 1.75 -11.21
N SER A 18 -1.25 0.79 -12.14
CA SER A 18 -2.47 0.12 -12.51
C SER A 18 -2.28 -1.38 -12.46
N GLN A 19 -2.99 -2.09 -11.60
CA GLN A 19 -2.74 -3.54 -11.50
C GLN A 19 -3.50 -4.37 -12.54
N GLY A 20 -4.53 -3.82 -13.16
CA GLY A 20 -5.30 -4.58 -14.14
C GLY A 20 -6.06 -5.74 -13.48
N GLU A 21 -6.29 -6.84 -14.19
CA GLU A 21 -7.07 -7.97 -13.70
C GLU A 21 -6.36 -8.92 -12.74
N CYS A 22 -5.02 -8.86 -12.68
CA CYS A 22 -4.25 -9.66 -11.76
C CYS A 22 -4.56 -9.27 -10.32
N GLY A 23 -4.85 -10.26 -9.46
CA GLY A 23 -5.16 -9.96 -8.07
C GLY A 23 -3.91 -9.73 -7.23
N GLY A 24 -3.09 -8.77 -7.66
CA GLY A 24 -1.84 -8.47 -6.97
C GLY A 24 -1.85 -7.25 -6.07
N CYS A 25 -2.99 -6.82 -5.51
CA CYS A 25 -3.02 -5.62 -4.67
C CYS A 25 -2.08 -5.72 -3.46
N TRP A 26 -1.82 -6.92 -2.91
CA TRP A 26 -0.96 -7.12 -1.76
C TRP A 26 0.45 -6.68 -2.13
N ALA A 27 0.89 -7.02 -3.37
CA ALA A 27 2.21 -6.62 -3.88
C ALA A 27 2.27 -5.13 -4.15
N PHE A 28 1.23 -4.50 -4.70
CA PHE A 28 1.23 -3.06 -4.90
C PHE A 28 1.32 -2.28 -3.59
N SER A 29 0.61 -2.73 -2.55
CA SER A 29 0.64 -2.04 -1.25
C SER A 29 2.00 -2.18 -0.55
N ALA A 30 2.56 -3.39 -0.55
CA ALA A 30 3.85 -3.65 0.06
C ALA A 30 4.93 -2.80 -0.62
N ILE A 31 4.92 -2.76 -1.97
CA ILE A 31 5.88 -1.96 -2.71
C ILE A 31 5.72 -0.49 -2.44
N ALA A 32 4.51 0.08 -2.42
CA ALA A 32 4.37 1.52 -2.22
C ALA A 32 4.91 1.99 -0.87
N THR A 33 4.78 1.19 0.19
CA THR A 33 5.35 1.63 1.45
C THR A 33 6.84 1.36 1.51
N VAL A 34 7.40 0.36 0.81
CA VAL A 34 8.87 0.19 0.75
C VAL A 34 9.49 1.35 -0.04
N GLU A 35 8.85 1.80 -1.15
CA GLU A 35 9.28 2.98 -1.90
C GLU A 35 9.36 4.21 -0.98
N GLY A 36 8.31 4.34 -0.15
CA GLY A 36 8.17 5.41 0.82
C GLY A 36 9.30 5.46 1.83
N ILE A 37 9.56 4.34 2.56
CA ILE A 37 10.58 4.38 3.59
C ILE A 37 11.97 4.46 2.96
N ASN A 38 12.18 3.92 1.74
CA ASN A 38 13.47 4.05 1.08
C ASN A 38 13.77 5.51 0.80
N LYS A 39 12.78 6.30 0.32
CA LYS A 39 12.98 7.72 0.08
C LYS A 39 13.28 8.45 1.38
N ILE A 40 12.55 8.14 2.46
CA ILE A 40 12.71 8.83 3.72
C ILE A 40 14.11 8.57 4.26
N VAL A 41 14.67 7.35 4.24
CA VAL A 41 15.98 7.25 4.85
C VAL A 41 17.11 7.44 3.84
N THR A 42 16.96 7.16 2.54
CA THR A 42 18.10 7.30 1.63
C THR A 42 18.08 8.60 0.84
N GLY A 43 16.92 9.26 0.80
CA GLY A 43 16.75 10.52 0.09
C GLY A 43 16.46 10.38 -1.39
N VAL A 44 16.38 9.17 -1.94
CA VAL A 44 16.10 8.97 -3.37
C VAL A 44 14.81 8.15 -3.55
N LEU A 45 13.86 8.63 -4.35
CA LEU A 45 12.65 7.87 -4.61
C LEU A 45 12.87 7.00 -5.85
N ILE A 46 12.80 5.69 -5.65
CA ILE A 46 12.92 4.71 -6.73
C ILE A 46 11.63 3.87 -6.78
N SER A 47 11.09 3.72 -8.00
CA SER A 47 9.92 2.87 -8.23
C SER A 47 10.40 1.40 -8.26
N LEU A 48 9.69 0.55 -7.50
CA LEU A 48 10.11 -0.83 -7.31
C LEU A 48 9.16 -1.86 -7.92
N SER A 49 9.66 -3.08 -8.02
CA SER A 49 8.98 -4.14 -8.73
C SER A 49 7.94 -4.98 -7.98
N GLU A 50 6.67 -4.74 -8.37
CA GLU A 50 5.58 -5.59 -7.92
C GLU A 50 5.69 -6.97 -8.59
N GLN A 51 6.14 -7.01 -9.86
CA GLN A 51 6.19 -8.28 -10.60
C GLN A 51 7.14 -9.28 -9.97
N GLU A 52 8.22 -8.81 -9.36
CA GLU A 52 9.17 -9.66 -8.69
C GLU A 52 8.52 -10.31 -7.49
N LEU A 53 7.65 -9.58 -6.75
CA LEU A 53 6.95 -10.18 -5.64
C LEU A 53 5.94 -11.22 -6.11
N ILE A 54 5.22 -10.91 -7.20
CA ILE A 54 4.24 -11.86 -7.75
C ILE A 54 4.93 -13.13 -8.24
N ASP A 55 6.04 -13.03 -8.99
CA ASP A 55 6.71 -14.19 -9.54
C ASP A 55 7.60 -14.96 -8.57
N CYS A 56 8.35 -14.25 -7.74
CA CYS A 56 9.33 -14.86 -6.88
C CYS A 56 8.95 -15.00 -5.41
N GLY A 57 7.88 -14.30 -5.00
CA GLY A 57 7.49 -14.25 -3.60
C GLY A 57 6.31 -15.15 -3.24
N ARG A 58 6.05 -16.25 -3.95
CA ARG A 58 4.99 -17.16 -3.55
C ARG A 58 5.33 -17.90 -2.24
N THR A 59 4.44 -17.86 -1.26
CA THR A 59 4.66 -18.59 -0.01
C THR A 59 3.32 -18.71 0.68
N GLN A 60 3.06 -19.89 1.25
CA GLN A 60 1.84 -20.19 1.98
C GLN A 60 0.58 -19.68 1.28
N ASN A 61 -0.11 -18.62 1.73
CA ASN A 61 -1.32 -18.18 1.07
C ASN A 61 -1.15 -16.94 0.24
N THR A 62 0.10 -16.60 -0.08
CA THR A 62 0.42 -15.54 -1.03
C THR A 62 0.83 -16.25 -2.32
N ARG A 63 -0.08 -16.10 -3.29
CA ARG A 63 -0.04 -16.84 -4.53
C ARG A 63 -0.20 -15.99 -5.80
N GLY A 64 0.68 -14.97 -5.93
CA GLY A 64 0.72 -14.12 -7.13
C GLY A 64 -0.57 -13.39 -7.42
N CYS A 65 -1.02 -13.50 -8.69
CA CYS A 65 -2.28 -12.90 -9.11
C CYS A 65 -3.50 -13.48 -8.47
N ASN A 66 -3.31 -14.61 -7.80
CA ASN A 66 -4.39 -15.22 -7.04
C ASN A 66 -4.60 -14.63 -5.67
N GLY A 67 -3.94 -13.55 -5.29
CA GLY A 67 -4.17 -12.94 -3.99
C GLY A 67 -3.05 -13.28 -3.02
N GLY A 68 -2.96 -12.53 -1.91
CA GLY A 68 -1.87 -12.75 -0.98
C GLY A 68 -1.96 -11.78 0.18
N TYR A 69 -0.84 -11.63 0.89
CA TYR A 69 -0.80 -10.79 2.09
C TYR A 69 0.35 -9.80 2.04
N ILE A 70 0.05 -8.57 2.47
CA ILE A 70 1.00 -7.46 2.44
C ILE A 70 2.30 -7.84 3.14
N THR A 71 2.18 -8.47 4.33
CA THR A 71 3.35 -8.82 5.12
C THR A 71 4.18 -9.89 4.46
N ASP A 72 3.62 -10.77 3.60
CA ASP A 72 4.46 -11.70 2.86
C ASP A 72 5.26 -10.97 1.80
N GLY A 73 4.77 -9.83 1.34
CA GLY A 73 5.55 -9.00 0.42
C GLY A 73 6.77 -8.43 1.13
N PHE A 74 6.61 -7.89 2.35
CA PHE A 74 7.76 -7.41 3.09
C PHE A 74 8.70 -8.55 3.42
N GLN A 75 8.17 -9.72 3.81
CA GLN A 75 9.03 -10.83 4.20
C GLN A 75 9.84 -11.34 3.03
N PHE A 76 9.31 -11.31 1.78
CA PHE A 76 10.12 -11.68 0.62
C PHE A 76 11.31 -10.72 0.50
N ILE A 77 11.15 -9.40 0.65
CA ILE A 77 12.27 -8.47 0.47
C ILE A 77 13.33 -8.70 1.54
N ILE A 78 12.89 -9.00 2.77
CA ILE A 78 13.79 -9.31 3.87
C ILE A 78 14.57 -10.60 3.58
N ASN A 79 13.88 -11.70 3.23
CA ASN A 79 14.54 -12.98 3.02
C ASN A 79 15.41 -13.01 1.79
N ASN A 80 15.04 -12.24 0.77
CA ASN A 80 15.84 -12.15 -0.45
C ASN A 80 17.05 -11.22 -0.27
N GLY A 81 17.10 -10.36 0.75
CA GLY A 81 18.17 -9.38 0.88
C GLY A 81 17.92 -8.17 -0.01
N GLY A 82 16.72 -7.95 -0.57
CA GLY A 82 16.48 -6.77 -1.39
C GLY A 82 15.46 -6.97 -2.49
N ILE A 83 15.25 -5.87 -3.22
CA ILE A 83 14.31 -5.86 -4.33
C ILE A 83 14.88 -5.03 -5.48
N ASN A 84 14.45 -5.40 -6.67
CA ASN A 84 14.84 -4.71 -7.89
C ASN A 84 13.82 -3.63 -8.25
N THR A 85 14.14 -2.82 -9.26
CA THR A 85 13.30 -1.71 -9.68
C THR A 85 12.21 -2.09 -10.66
N GLU A 86 11.23 -1.18 -10.79
CA GLU A 86 10.11 -1.35 -11.70
C GLU A 86 10.61 -1.40 -13.15
N GLU A 87 11.58 -0.55 -13.49
CA GLU A 87 12.11 -0.56 -14.85
C GLU A 87 12.90 -1.83 -15.17
N ASN A 88 13.62 -2.42 -14.19
CA ASN A 88 14.38 -3.64 -14.45
C ASN A 88 13.53 -4.92 -14.47
N TYR A 89 12.41 -4.96 -13.73
CA TYR A 89 11.56 -6.14 -13.68
C TYR A 89 10.14 -5.60 -13.79
N PRO A 90 9.64 -5.26 -14.98
CA PRO A 90 8.37 -4.57 -15.14
C PRO A 90 7.16 -5.46 -14.94
N TYR A 91 6.06 -4.78 -14.65
CA TYR A 91 4.78 -5.41 -14.38
C TYR A 91 4.10 -5.92 -15.65
N THR A 92 3.70 -7.19 -15.63
CA THR A 92 2.98 -7.80 -16.75
C THR A 92 1.55 -8.17 -16.39
N ALA A 93 1.15 -8.12 -15.10
CA ALA A 93 -0.17 -8.54 -14.60
C ALA A 93 -0.43 -10.01 -14.87
N GLN A 94 0.65 -10.78 -14.78
CA GLN A 94 0.67 -12.21 -15.07
C GLN A 94 1.39 -12.93 -13.97
N ASP A 95 0.95 -14.15 -13.67
CA ASP A 95 1.81 -15.04 -12.90
C ASP A 95 2.90 -15.55 -13.82
N GLY A 96 4.16 -15.25 -13.53
CA GLY A 96 5.24 -15.66 -14.40
C GLY A 96 6.27 -16.48 -13.65
N GLU A 97 7.24 -17.00 -14.40
CA GLU A 97 8.38 -17.69 -13.80
C GLU A 97 9.31 -16.67 -13.16
N CYS A 98 9.74 -16.92 -11.91
CA CYS A 98 10.66 -16.02 -11.24
C CYS A 98 11.93 -15.87 -12.05
N ASN A 99 12.24 -14.64 -12.45
CA ASN A 99 13.46 -14.42 -13.19
C ASN A 99 14.56 -14.32 -12.13
N VAL A 100 15.37 -15.36 -12.05
CA VAL A 100 16.42 -15.44 -11.03
C VAL A 100 17.54 -14.41 -11.16
N ASP A 101 18.00 -14.06 -12.37
CA ASP A 101 18.99 -12.99 -12.54
C ASP A 101 18.47 -11.65 -12.03
N LEU A 102 17.19 -11.37 -12.29
CA LEU A 102 16.60 -10.13 -11.83
C LEU A 102 16.27 -10.19 -10.35
N GLN A 103 16.00 -11.39 -9.83
CA GLN A 103 15.75 -11.54 -8.42
C GLN A 103 17.06 -11.32 -7.64
N ASN A 104 18.19 -11.72 -8.23
CA ASN A 104 19.48 -11.56 -7.55
C ASN A 104 20.02 -10.13 -7.61
N GLU A 105 19.49 -9.31 -8.52
CA GLU A 105 19.88 -7.92 -8.66
C GLU A 105 19.01 -7.10 -7.71
N LYS A 106 19.66 -6.54 -6.67
CA LYS A 106 18.99 -5.90 -5.55
C LYS A 106 19.50 -4.47 -5.39
N TYR A 107 18.59 -3.49 -5.30
CA TYR A 107 18.96 -2.09 -5.16
C TYR A 107 18.39 -1.43 -3.92
N VAL A 108 17.27 -1.93 -3.41
CA VAL A 108 16.67 -1.39 -2.19
C VAL A 108 16.51 -2.52 -1.18
N THR A 109 16.80 -2.24 0.10
CA THR A 109 16.65 -3.22 1.17
C THR A 109 15.84 -2.67 2.33
N ILE A 110 15.22 -3.56 3.09
CA ILE A 110 14.59 -3.15 4.34
C ILE A 110 15.10 -4.10 5.40
N ASP A 111 14.90 -3.75 6.67
CA ASP A 111 15.40 -4.58 7.76
C ASP A 111 14.38 -5.49 8.43
N THR A 112 13.18 -4.97 8.63
CA THR A 112 12.12 -5.74 9.25
C THR A 112 10.81 -5.05 8.91
N TYR A 113 9.70 -5.45 9.53
CA TYR A 113 8.45 -4.71 9.40
C TYR A 113 7.73 -4.78 10.73
N GLU A 114 6.75 -3.92 10.92
CA GLU A 114 5.95 -3.88 12.13
C GLU A 114 4.46 -3.85 11.77
N ASN A 115 3.66 -4.44 12.66
CA ASN A 115 2.22 -4.35 12.54
C ASN A 115 1.73 -3.23 13.45
N VAL A 116 0.84 -2.35 12.98
CA VAL A 116 0.21 -1.35 13.83
C VAL A 116 -0.83 -2.09 14.67
N PRO A 117 -1.02 -1.81 15.98
CA PRO A 117 -2.14 -2.30 16.79
C PRO A 117 -3.43 -2.22 15.99
N TYR A 118 -4.12 -3.34 15.77
CA TYR A 118 -5.29 -3.29 14.91
C TYR A 118 -6.50 -2.61 15.56
N ASN A 119 -7.41 -2.06 14.74
CA ASN A 119 -8.60 -1.33 15.17
C ASN A 119 -8.27 -0.21 16.15
N ASN A 120 -7.25 0.56 15.76
CA ASN A 120 -6.78 1.65 16.62
C ASN A 120 -6.33 2.78 15.71
N GLU A 121 -7.28 3.61 15.29
CA GLU A 121 -6.97 4.70 14.37
C GLU A 121 -5.98 5.74 14.92
N TRP A 122 -5.90 5.96 16.25
CA TRP A 122 -4.91 6.86 16.82
C TRP A 122 -3.50 6.28 16.63
N ALA A 123 -3.29 4.98 16.86
CA ALA A 123 -1.98 4.39 16.65
C ALA A 123 -1.66 4.38 15.17
N LEU A 124 -2.67 4.27 14.28
CA LEU A 124 -2.45 4.32 12.85
C LEU A 124 -2.04 5.74 12.41
N GLN A 125 -2.67 6.79 12.97
CA GLN A 125 -2.30 8.16 12.66
C GLN A 125 -0.84 8.47 13.05
N THR A 126 -0.42 7.95 14.23
CA THR A 126 0.94 8.11 14.73
C THR A 126 1.92 7.47 13.75
N ALA A 127 1.64 6.24 13.28
CA ALA A 127 2.53 5.59 12.32
C ALA A 127 2.58 6.32 10.97
N VAL A 128 1.46 6.86 10.47
CA VAL A 128 1.40 7.58 9.18
C VAL A 128 2.16 8.90 9.24
N THR A 129 2.27 9.49 10.43
CA THR A 129 3.08 10.69 10.65
C THR A 129 4.54 10.43 10.31
N TYR A 130 5.04 9.20 10.48
CA TYR A 130 6.44 8.91 10.17
C TYR A 130 6.71 8.33 8.80
N GLN A 131 5.71 7.73 8.13
CA GLN A 131 5.92 7.09 6.82
C GLN A 131 4.59 6.62 6.26
N PRO A 132 4.45 6.34 4.95
CA PRO A 132 3.27 5.68 4.38
C PRO A 132 3.08 4.30 5.03
N VAL A 133 1.81 3.92 5.27
CA VAL A 133 1.49 2.64 5.90
C VAL A 133 0.58 1.81 5.00
N SER A 134 0.82 0.49 4.94
CA SER A 134 0.00 -0.45 4.17
C SER A 134 -1.23 -0.88 4.94
N VAL A 135 -2.41 -0.85 4.31
CA VAL A 135 -3.65 -1.24 4.96
C VAL A 135 -4.46 -2.05 3.96
N ALA A 136 -5.53 -2.71 4.45
CA ALA A 136 -6.48 -3.32 3.53
C ALA A 136 -7.87 -2.90 3.98
N LEU A 137 -8.74 -2.85 2.98
CA LEU A 137 -10.12 -2.48 3.19
C LEU A 137 -11.08 -3.35 2.38
N ASP A 138 -12.36 -3.19 2.68
CA ASP A 138 -13.42 -3.91 2.01
C ASP A 138 -13.86 -3.06 0.82
N ALA A 139 -13.44 -3.54 -0.35
CA ALA A 139 -13.69 -2.90 -1.63
C ALA A 139 -14.67 -3.63 -2.54
N ALA A 140 -15.45 -4.53 -1.96
CA ALA A 140 -16.39 -5.36 -2.68
C ALA A 140 -17.66 -4.66 -3.15
N GLY A 141 -18.05 -3.55 -2.52
CA GLY A 141 -19.28 -2.85 -2.86
C GLY A 141 -19.18 -1.91 -4.06
N ASP A 142 -20.33 -1.68 -4.69
CA ASP A 142 -20.38 -0.77 -5.83
C ASP A 142 -20.06 0.66 -5.51
N ALA A 143 -20.36 1.14 -4.29
CA ALA A 143 -20.02 2.50 -3.90
C ALA A 143 -18.50 2.70 -3.96
N PHE A 144 -17.72 1.73 -3.45
CA PHE A 144 -16.27 1.82 -3.48
C PHE A 144 -15.75 1.78 -4.92
N LYS A 145 -16.22 0.78 -5.69
CA LYS A 145 -15.80 0.60 -7.07
C LYS A 145 -16.11 1.80 -7.95
N GLN A 146 -17.24 2.47 -7.68
CA GLN A 146 -17.63 3.62 -8.48
C GLN A 146 -17.13 4.95 -7.91
N TYR A 147 -16.40 4.99 -6.77
CA TYR A 147 -15.95 6.25 -6.18
C TYR A 147 -15.23 7.18 -7.16
N SER A 148 -15.68 8.43 -7.13
CA SER A 148 -15.19 9.47 -8.00
C SER A 148 -14.54 10.63 -7.28
N SER A 149 -15.16 11.13 -6.21
CA SER A 149 -14.63 12.28 -5.48
C SER A 149 -15.30 12.46 -4.13
N GLY A 150 -14.71 13.30 -3.27
CA GLY A 150 -15.23 13.57 -1.95
C GLY A 150 -14.63 12.68 -0.89
N ILE A 151 -15.09 12.86 0.34
CA ILE A 151 -14.63 12.02 1.45
C ILE A 151 -15.62 10.86 1.51
N PHE A 152 -15.14 9.66 1.18
CA PHE A 152 -15.95 8.45 1.13
C PHE A 152 -16.35 8.02 2.52
N THR A 153 -17.65 7.75 2.70
CA THR A 153 -18.11 7.33 4.01
C THR A 153 -18.69 5.94 3.98
N GLY A 154 -18.82 5.35 2.79
CA GLY A 154 -19.47 4.05 2.64
C GLY A 154 -20.61 4.09 1.63
N PRO A 155 -21.47 3.07 1.52
CA PRO A 155 -21.46 1.89 2.37
C PRO A 155 -20.37 0.91 2.00
N CYS A 156 -19.82 0.30 3.05
CA CYS A 156 -18.85 -0.77 2.91
C CYS A 156 -18.75 -1.53 4.22
N GLY A 157 -18.42 -2.80 4.06
CA GLY A 157 -18.25 -3.67 5.22
C GLY A 157 -16.81 -3.56 5.73
N THR A 158 -16.44 -4.51 6.58
CA THR A 158 -15.10 -4.54 7.16
C THR A 158 -14.38 -5.86 6.93
N ALA A 159 -14.88 -6.77 6.10
CA ALA A 159 -14.22 -8.03 5.79
C ALA A 159 -13.32 -7.68 4.61
N ILE A 160 -12.07 -7.34 4.95
CA ILE A 160 -11.23 -6.73 3.93
C ILE A 160 -10.71 -7.69 2.86
N ASP A 161 -10.61 -7.12 1.67
CA ASP A 161 -10.20 -7.90 0.51
C ASP A 161 -9.30 -7.19 -0.49
N HIS A 162 -8.90 -5.97 -0.15
CA HIS A 162 -8.14 -5.18 -1.09
C HIS A 162 -7.12 -4.30 -0.38
N ALA A 163 -5.84 -4.56 -0.61
CA ALA A 163 -4.76 -3.79 -0.01
C ALA A 163 -4.48 -2.50 -0.78
N VAL A 164 -4.29 -1.45 0.01
CA VAL A 164 -3.97 -0.13 -0.49
C VAL A 164 -2.90 0.51 0.42
N THR A 165 -2.55 1.78 0.19
CA THR A 165 -1.55 2.47 0.97
C THR A 165 -2.08 3.77 1.55
N ILE A 166 -1.92 4.09 2.84
CA ILE A 166 -2.29 5.42 3.33
C ILE A 166 -1.06 6.31 3.19
N VAL A 167 -1.23 7.44 2.50
CA VAL A 167 -0.13 8.38 2.29
C VAL A 167 -0.28 9.69 3.06
N GLY A 168 -1.37 9.82 3.82
CA GLY A 168 -1.55 11.00 4.65
C GLY A 168 -2.91 11.01 5.32
N TYR A 169 -3.20 12.15 5.94
CA TYR A 169 -4.48 12.41 6.58
C TYR A 169 -4.66 13.92 6.70
N GLY A 170 -5.90 14.31 6.98
CA GLY A 170 -6.19 15.73 7.15
C GLY A 170 -7.62 15.91 7.58
N THR A 171 -8.08 17.16 7.51
CA THR A 171 -9.43 17.50 7.91
C THR A 171 -9.93 18.57 6.94
N GLU A 172 -11.16 18.44 6.47
CA GLU A 172 -11.74 19.45 5.60
C GLU A 172 -13.15 19.70 6.06
N GLY A 173 -13.46 20.95 6.42
CA GLY A 173 -14.83 21.31 6.84
C GLY A 173 -15.31 20.55 8.05
N GLY A 174 -14.36 20.32 8.95
CA GLY A 174 -14.62 19.61 10.18
C GLY A 174 -14.67 18.09 9.99
N ILE A 175 -14.44 17.57 8.77
CA ILE A 175 -14.52 16.13 8.56
C ILE A 175 -13.11 15.55 8.42
N ASP A 176 -12.74 14.61 9.29
CA ASP A 176 -11.44 13.97 9.24
C ASP A 176 -11.38 12.89 8.16
N TYR A 177 -10.23 12.77 7.48
CA TYR A 177 -10.06 11.75 6.46
C TYR A 177 -8.63 11.21 6.40
N TRP A 178 -8.53 10.02 5.79
CA TRP A 178 -7.27 9.41 5.41
C TRP A 178 -7.09 9.64 3.91
N ILE A 179 -5.86 9.84 3.41
CA ILE A 179 -5.60 9.89 1.97
C ILE A 179 -5.04 8.51 1.55
N VAL A 180 -5.71 7.88 0.59
CA VAL A 180 -5.39 6.51 0.16
C VAL A 180 -4.86 6.45 -1.25
N LYS A 181 -3.73 5.79 -1.49
CA LYS A 181 -3.22 5.52 -2.82
C LYS A 181 -3.73 4.15 -3.24
N ASN A 182 -4.55 4.12 -4.29
CA ASN A 182 -5.02 2.85 -4.82
C ASN A 182 -4.20 2.49 -6.05
N SER A 183 -4.38 1.27 -6.57
CA SER A 183 -3.63 0.79 -7.74
C SER A 183 -4.55 0.47 -8.91
N TRP A 184 -5.59 1.29 -9.09
CA TRP A 184 -6.55 1.10 -10.18
C TRP A 184 -6.45 2.21 -11.24
N ASP A 185 -5.23 2.71 -11.47
CA ASP A 185 -4.95 3.81 -12.41
C ASP A 185 -5.55 5.15 -11.98
N THR A 186 -5.19 6.23 -12.69
CA THR A 186 -5.65 7.58 -12.39
C THR A 186 -7.09 7.83 -12.80
N THR A 187 -7.70 6.90 -13.51
CA THR A 187 -9.07 7.01 -13.92
C THR A 187 -10.08 6.68 -12.82
N TRP A 188 -9.65 6.12 -11.68
CA TRP A 188 -10.53 5.85 -10.54
C TRP A 188 -10.28 6.93 -9.49
N GLY A 189 -11.35 7.39 -8.81
CA GLY A 189 -11.21 8.34 -7.72
C GLY A 189 -10.66 9.71 -8.10
N GLU A 190 -9.97 10.32 -7.14
CA GLU A 190 -9.36 11.64 -7.35
C GLU A 190 -7.97 11.41 -7.91
N GLU A 191 -7.95 11.19 -9.23
CA GLU A 191 -6.73 10.90 -9.98
C GLU A 191 -5.97 9.70 -9.41
N GLY A 192 -6.74 8.69 -9.00
CA GLY A 192 -6.17 7.46 -8.49
C GLY A 192 -6.19 7.37 -6.97
N TYR A 193 -6.45 8.48 -6.26
CA TYR A 193 -6.48 8.52 -4.80
C TYR A 193 -7.88 8.58 -4.25
N MET A 194 -8.06 8.29 -2.95
CA MET A 194 -9.36 8.36 -2.31
C MET A 194 -9.20 9.10 -1.00
N ARG A 195 -10.13 9.97 -0.64
CA ARG A 195 -10.14 10.49 0.72
C ARG A 195 -11.24 9.69 1.39
N ILE A 196 -11.01 9.11 2.57
CA ILE A 196 -11.99 8.25 3.22
C ILE A 196 -12.17 8.67 4.69
N LEU A 197 -13.39 8.64 5.22
CA LEU A 197 -13.68 9.06 6.60
C LEU A 197 -12.82 8.40 7.67
N ARG A 198 -12.25 9.28 8.51
CA ARG A 198 -11.37 8.90 9.61
C ARG A 198 -12.04 9.16 10.95
N ASN A 199 -11.55 8.44 11.97
CA ASN A 199 -11.96 8.50 13.37
C ASN A 199 -13.41 8.11 13.60
N VAL A 200 -13.77 6.92 13.11
CA VAL A 200 -15.13 6.42 13.24
C VAL A 200 -15.21 5.30 14.28
N GLY A 201 -14.08 4.85 14.82
CA GLY A 201 -14.09 3.78 15.80
C GLY A 201 -13.91 2.40 15.19
N GLY A 202 -13.46 1.49 16.06
CA GLY A 202 -13.29 0.09 15.73
C GLY A 202 -12.34 -0.13 14.57
N ALA A 203 -12.82 -0.90 13.61
CA ALA A 203 -12.03 -1.23 12.44
C ALA A 203 -11.85 -0.08 11.44
N GLY A 204 -12.55 1.06 11.61
CA GLY A 204 -12.46 2.17 10.68
C GLY A 204 -13.38 1.96 9.48
N THR A 205 -13.50 2.98 8.63
CA THR A 205 -14.37 2.96 7.44
C THR A 205 -13.84 1.92 6.48
N CYS A 206 -14.75 1.03 6.08
CA CYS A 206 -14.44 -0.12 5.24
C CYS A 206 -13.34 -1.02 5.81
N GLY A 207 -13.13 -0.99 7.13
CA GLY A 207 -12.12 -1.77 7.82
C GLY A 207 -10.67 -1.29 7.61
N ILE A 208 -10.47 -0.03 7.22
CA ILE A 208 -9.13 0.46 6.89
C ILE A 208 -8.13 0.39 8.04
N ALA A 209 -8.59 0.45 9.29
CA ALA A 209 -7.69 0.33 10.43
C ALA A 209 -7.54 -1.08 10.98
N THR A 210 -8.11 -2.12 10.36
CA THR A 210 -8.07 -3.46 10.97
C THR A 210 -6.78 -4.29 10.75
N MET A 211 -5.91 -4.06 9.75
CA MET A 211 -4.64 -4.78 9.69
C MET A 211 -3.56 -3.98 8.97
N PRO A 212 -3.11 -2.88 9.59
CA PRO A 212 -2.06 -2.01 9.06
C PRO A 212 -0.67 -2.55 9.33
N SER A 213 0.27 -2.31 8.42
CA SER A 213 1.65 -2.69 8.67
C SER A 213 2.56 -1.81 7.84
N TYR A 214 3.84 -1.78 8.20
CA TYR A 214 4.77 -0.93 7.47
C TYR A 214 6.18 -1.48 7.53
N PRO A 215 7.01 -1.22 6.53
CA PRO A 215 8.40 -1.66 6.50
C PRO A 215 9.28 -0.75 7.35
N VAL A 216 10.36 -1.33 7.88
CA VAL A 216 11.28 -0.65 8.76
C VAL A 216 12.65 -0.75 8.09
N LYS A 217 13.31 0.39 8.00
CA LYS A 217 14.65 0.46 7.46
C LYS A 217 15.41 1.35 8.42
N TYR A 218 16.39 0.80 9.12
CA TYR A 218 17.22 1.56 10.06
C TYR A 218 18.12 2.61 9.35
#